data_6OS2
#
_entry.id   6OS2
#
_cell.length_a   59.960
_cell.length_b   101.350
_cell.length_c   225.900
_cell.angle_alpha   90.000
_cell.angle_beta   90.000
_cell.angle_gamma   90.000
#
_symmetry.space_group_name_H-M   'I 2 2 2'
#
loop_
_entity.id
_entity.type
_entity.pdbx_description
1 polymer 'Type-1 angiotensin II receptor,Soluble cytochrome b562 BRIL fusion protein'
2 polymer 'Nanobody Nb.AT110i1_le'
3 polymer 'TRV026 peptide'
4 non-polymer 2-acetamido-2-deoxy-beta-D-glucopyranose
5 non-polymer '(2R)-2,3-dihydroxypropyl (9Z)-octadec-9-enoate'
6 non-polymer CHOLESTEROL
7 water water
#
loop_
_entity_poly.entity_id
_entity_poly.type
_entity_poly.pdbx_seq_one_letter_code
_entity_poly.pdbx_strand_id
1 'polypeptide(L)'
;DYKDDDDKILNSSTEDGIKRIQDDCPKAGRHNYIFVMIPTLYSIIFVVGIFGNSLVVIVIYFYMKLKTVASVFLLNLALA
DLCFLLTLPLWAVYTAMEYRWPFGNYLCKIASASVSFNLYASVFLLTCLSIDRYLAIVHPMKSRLRRTMLVAKVTCIIIW
LLAGLASLPAIIHRNVFFIENTNITVCAFHYESQNSTLPIGLGLTKNILGFLFPFLIILTSYTLIWKALKKAYDLEDNWE
TLNDNLKVIEKADNAAQVKDALTKMRAAALDAQKATPPKLEDKSPDSPEMKDFRHGFDILVGQIDDALKLANEGKVKEAQ
AAAEQLKTTRNAEIQKNKPRNDDIFKIIMAIVLFFFFSWIPHQIFTFLDVLIQLGIIRDCRIADIVDTAMPITICIAYFN
NCLNPLFYGFLGKKFKRYFLQLLKY
;
A
2 'polypeptide(L)'
;QVQLQESGGGLVAAGGSLRLSCAASGNIFDVDIMGWYRQAPGKERELVASITDGGSTNYADSVKGRFTISRDNAKNTVYL
AMASLKPEDTAVYYCAAVAYPDIPTYFDYDSDNFYWGQGTQVTVSSLE
;
D
3 'polypeptide(L)' (SAR)RVYYHP(NH2) B
#
loop_
_chem_comp.id
_chem_comp.type
_chem_comp.name
_chem_comp.formula
CLR non-polymer CHOLESTEROL 'C27 H46 O'
NAG D-saccharide, beta linking 2-acetamido-2-deoxy-beta-D-glucopyranose 'C8 H15 N O6'
NH2 non-polymer 'AMINO GROUP' 'H2 N'
OLC non-polymer '(2R)-2,3-dihydroxypropyl (9Z)-octadec-9-enoate' 'C21 H40 O4'
#
# COMPACT_ATOMS: atom_id res chain seq x y z
N ILE A 18 -12.33 25.27 -37.98
CA ILE A 18 -12.81 24.23 -37.06
C ILE A 18 -14.21 23.79 -37.46
N LYS A 19 -14.76 22.85 -36.70
CA LYS A 19 -16.07 22.28 -37.00
C LYS A 19 -17.17 23.07 -36.31
N ARG A 20 -18.33 23.14 -36.97
CA ARG A 20 -19.51 23.79 -36.44
C ARG A 20 -20.52 22.72 -36.03
N ILE A 21 -20.96 22.77 -34.77
CA ILE A 21 -21.86 21.77 -34.22
C ILE A 21 -23.09 22.47 -33.64
N GLN A 22 -24.10 21.67 -33.34
CA GLN A 22 -25.36 22.14 -32.76
C GLN A 22 -25.54 21.49 -31.41
N ASP A 23 -25.41 22.28 -30.35
CA ASP A 23 -25.54 21.76 -28.99
C ASP A 23 -26.99 21.49 -28.65
N ASP A 24 -27.26 20.28 -28.16
CA ASP A 24 -28.63 19.91 -27.80
C ASP A 24 -29.12 20.73 -26.61
N CYS A 25 -28.29 20.82 -25.56
CA CYS A 25 -28.61 21.58 -24.35
C CYS A 25 -27.56 22.68 -24.21
N PRO A 26 -27.75 23.83 -24.87
CA PRO A 26 -26.72 24.88 -24.83
C PRO A 26 -26.64 25.61 -23.51
N LYS A 27 -27.58 25.39 -22.59
CA LYS A 27 -27.56 26.04 -21.28
C LYS A 27 -27.17 25.10 -20.16
N ALA A 28 -26.91 23.83 -20.45
CA ALA A 28 -26.55 22.86 -19.42
C ALA A 28 -25.16 23.16 -18.89
N GLY A 29 -25.06 23.41 -17.59
CA GLY A 29 -23.80 23.67 -16.94
C GLY A 29 -23.39 25.13 -16.91
N ARG A 30 -24.01 25.98 -17.73
CA ARG A 30 -23.69 27.41 -17.77
C ARG A 30 -24.40 28.09 -16.62
N HIS A 31 -23.70 28.22 -15.50
CA HIS A 31 -24.21 28.89 -14.32
C HIS A 31 -23.17 29.89 -13.81
N ASN A 32 -23.66 31.03 -13.30
CA ASN A 32 -22.75 32.09 -12.90
C ASN A 32 -21.95 31.72 -11.66
N TYR A 33 -22.55 30.98 -10.72
CA TYR A 33 -21.81 30.56 -9.53
C TYR A 33 -20.74 29.53 -9.86
N ILE A 34 -20.85 28.86 -11.02
CA ILE A 34 -19.80 27.96 -11.46
C ILE A 34 -18.64 28.75 -12.06
N PHE A 35 -18.94 29.77 -12.85
CA PHE A 35 -17.90 30.59 -13.49
C PHE A 35 -17.05 31.38 -12.50
N VAL A 36 -17.48 31.47 -11.25
CA VAL A 36 -16.73 32.18 -10.22
C VAL A 36 -16.07 31.22 -9.25
N MET A 37 -16.78 30.19 -8.79
CA MET A 37 -16.26 29.30 -7.77
C MET A 37 -15.28 28.28 -8.34
N ILE A 38 -15.60 27.71 -9.51
CA ILE A 38 -14.74 26.66 -10.07
C ILE A 38 -13.35 27.18 -10.43
N PRO A 39 -13.20 28.34 -11.11
CA PRO A 39 -11.83 28.84 -11.35
C PRO A 39 -11.07 29.13 -10.08
N THR A 40 -11.75 29.62 -9.03
CA THR A 40 -11.09 29.85 -7.76
C THR A 40 -10.62 28.54 -7.13
N LEU A 41 -11.42 27.48 -7.26
CA LEU A 41 -11.01 26.18 -6.73
C LEU A 41 -9.82 25.62 -7.49
N TYR A 42 -9.81 25.76 -8.82
CA TYR A 42 -8.67 25.31 -9.61
C TYR A 42 -7.39 26.02 -9.20
N SER A 43 -7.50 27.29 -8.80
CA SER A 43 -6.33 28.03 -8.35
C SER A 43 -5.84 27.51 -7.00
N ILE A 44 -6.77 27.11 -6.12
CA ILE A 44 -6.37 26.52 -4.84
C ILE A 44 -5.69 25.19 -5.05
N ILE A 45 -6.24 24.35 -5.94
CA ILE A 45 -5.62 23.06 -6.24
C ILE A 45 -4.25 23.27 -6.86
N PHE A 46 -4.10 24.33 -7.66
CA PHE A 46 -2.82 24.60 -8.31
C PHE A 46 -1.75 24.98 -7.29
N VAL A 47 -2.07 25.93 -6.40
CA VAL A 47 -1.09 26.39 -5.42
C VAL A 47 -0.76 25.25 -4.44
N VAL A 48 -1.79 24.56 -3.94
CA VAL A 48 -1.56 23.48 -2.98
C VAL A 48 -0.86 22.30 -3.67
N GLY A 49 -1.21 22.03 -4.93
CA GLY A 49 -0.60 20.90 -5.62
C GLY A 49 0.86 21.13 -5.97
N ILE A 50 1.19 22.32 -6.47
CA ILE A 50 2.58 22.63 -6.80
C ILE A 50 3.42 22.70 -5.53
N PHE A 51 2.83 23.14 -4.42
CA PHE A 51 3.58 23.22 -3.17
C PHE A 51 3.86 21.84 -2.60
N GLY A 52 2.84 20.98 -2.53
CA GLY A 52 3.00 19.70 -1.86
C GLY A 52 3.80 18.72 -2.69
N ASN A 53 3.45 18.55 -3.96
CA ASN A 53 4.11 17.55 -4.80
C ASN A 53 5.54 17.92 -5.14
N SER A 54 5.91 19.19 -5.05
CA SER A 54 7.31 19.56 -5.26
C SER A 54 8.16 19.17 -4.07
N LEU A 55 7.63 19.29 -2.86
CA LEU A 55 8.37 18.90 -1.67
C LEU A 55 8.55 17.38 -1.61
N VAL A 56 7.56 16.62 -2.10
CA VAL A 56 7.69 15.16 -2.13
C VAL A 56 8.84 14.75 -3.04
N VAL A 57 8.99 15.43 -4.17
CA VAL A 57 10.08 15.13 -5.09
C VAL A 57 11.42 15.55 -4.48
N ILE A 58 11.45 16.70 -3.82
CA ILE A 58 12.69 17.19 -3.22
C ILE A 58 13.15 16.25 -2.11
N VAL A 59 12.23 15.76 -1.30
CA VAL A 59 12.62 14.92 -0.17
C VAL A 59 13.03 13.53 -0.65
N ILE A 60 12.30 12.97 -1.61
CA ILE A 60 12.54 11.59 -2.04
C ILE A 60 13.76 11.50 -2.95
N TYR A 61 13.79 12.33 -4.00
CA TYR A 61 14.82 12.20 -5.02
C TYR A 61 16.17 12.74 -4.56
N PHE A 62 16.17 13.74 -3.69
CA PHE A 62 17.41 14.42 -3.30
C PHE A 62 17.87 14.11 -1.88
N TYR A 63 16.94 13.86 -0.96
CA TYR A 63 17.31 13.55 0.43
C TYR A 63 17.23 12.06 0.75
N MET A 64 16.61 11.25 -0.12
CA MET A 64 16.49 9.82 0.11
C MET A 64 17.09 8.96 -1.00
N LYS A 65 17.32 9.52 -2.19
CA LYS A 65 18.04 8.87 -3.27
C LYS A 65 17.32 7.62 -3.81
N LEU A 66 16.02 7.47 -3.51
CA LEU A 66 15.22 6.35 -3.99
C LEU A 66 15.84 5.01 -3.61
N LYS A 67 15.58 4.53 -2.39
CA LYS A 67 16.15 3.28 -1.91
C LYS A 67 15.15 2.15 -1.80
N THR A 68 13.86 2.43 -1.91
CA THR A 68 12.82 1.41 -1.78
C THR A 68 11.93 1.42 -3.01
N VAL A 69 11.10 0.37 -3.14
CA VAL A 69 10.14 0.29 -4.23
C VAL A 69 9.05 1.34 -4.05
N ALA A 70 8.57 1.50 -2.81
CA ALA A 70 7.50 2.47 -2.56
C ALA A 70 7.97 3.90 -2.80
N SER A 71 9.28 4.15 -2.69
CA SER A 71 9.80 5.48 -2.99
C SER A 71 9.72 5.79 -4.48
N VAL A 72 9.90 4.77 -5.33
CA VAL A 72 9.78 4.97 -6.77
C VAL A 72 8.34 5.28 -7.15
N PHE A 73 7.39 4.55 -6.57
CA PHE A 73 5.98 4.83 -6.82
C PHE A 73 5.60 6.22 -6.30
N LEU A 74 6.04 6.57 -5.10
CA LEU A 74 5.69 7.86 -4.52
C LEU A 74 6.32 9.01 -5.29
N LEU A 75 7.51 8.80 -5.87
CA LEU A 75 8.13 9.84 -6.68
C LEU A 75 7.33 10.07 -7.97
N ASN A 76 7.03 8.99 -8.69
CA ASN A 76 6.25 9.12 -9.92
C ASN A 76 4.80 9.52 -9.65
N LEU A 77 4.29 9.24 -8.45
CA LEU A 77 2.96 9.70 -8.10
C LEU A 77 2.92 11.23 -7.96
N ALA A 78 4.02 11.83 -7.53
CA ALA A 78 4.09 13.28 -7.44
C ALA A 78 4.46 13.92 -8.76
N LEU A 79 5.25 13.22 -9.59
CA LEU A 79 5.59 13.75 -10.90
C LEU A 79 4.37 13.80 -11.81
N ALA A 80 3.56 12.74 -11.81
CA ALA A 80 2.36 12.73 -12.65
C ALA A 80 1.36 13.79 -12.20
N ASP A 81 1.34 14.12 -10.91
CA ASP A 81 0.43 15.16 -10.43
C ASP A 81 0.90 16.54 -10.87
N LEU A 82 2.22 16.77 -10.88
CA LEU A 82 2.75 18.05 -11.34
C LEU A 82 2.45 18.28 -12.82
N CYS A 83 2.45 17.22 -13.63
CA CYS A 83 2.13 17.36 -15.04
C CYS A 83 0.67 17.72 -15.25
N PHE A 84 -0.23 17.21 -14.40
CA PHE A 84 -1.64 17.57 -14.49
C PHE A 84 -1.85 19.04 -14.10
N LEU A 85 -1.15 19.50 -13.07
CA LEU A 85 -1.31 20.88 -12.60
C LEU A 85 -0.77 21.89 -13.60
N LEU A 86 0.08 21.47 -14.54
CA LEU A 86 0.58 22.39 -15.55
C LEU A 86 -0.53 22.86 -16.49
N THR A 87 -1.50 21.98 -16.77
CA THR A 87 -2.62 22.33 -17.62
C THR A 87 -3.82 22.84 -16.83
N LEU A 88 -3.73 22.88 -15.50
CA LEU A 88 -4.83 23.29 -14.64
C LEU A 88 -5.16 24.78 -14.81
N PRO A 89 -4.17 25.68 -14.92
CA PRO A 89 -4.53 27.07 -15.23
C PRO A 89 -5.26 27.23 -16.56
N LEU A 90 -5.01 26.35 -17.52
CA LEU A 90 -5.73 26.42 -18.79
C LEU A 90 -7.21 26.17 -18.59
N TRP A 91 -7.56 25.23 -17.70
CA TRP A 91 -8.96 24.97 -17.39
C TRP A 91 -9.54 26.01 -16.44
N ALA A 92 -8.70 26.69 -15.67
CA ALA A 92 -9.21 27.72 -14.75
C ALA A 92 -9.76 28.91 -15.52
N VAL A 93 -8.98 29.44 -16.47
CA VAL A 93 -9.46 30.54 -17.29
C VAL A 93 -10.49 30.07 -18.31
N TYR A 94 -10.46 28.78 -18.67
CA TYR A 94 -11.49 28.22 -19.54
C TYR A 94 -12.87 28.34 -18.90
N THR A 95 -12.98 27.92 -17.63
CA THR A 95 -14.25 28.04 -16.92
C THR A 95 -14.54 29.50 -16.56
N ALA A 96 -13.50 30.32 -16.41
CA ALA A 96 -13.72 31.72 -16.07
C ALA A 96 -14.37 32.48 -17.21
N MET A 97 -13.99 32.18 -18.46
CA MET A 97 -14.54 32.90 -19.60
C MET A 97 -15.81 32.23 -20.10
N GLU A 98 -16.55 31.59 -19.20
CA GLU A 98 -17.81 30.94 -19.51
C GLU A 98 -17.63 29.86 -20.60
N TYR A 99 -16.61 29.02 -20.39
CA TYR A 99 -16.33 27.88 -21.26
C TYR A 99 -16.01 28.33 -22.69
N ARG A 100 -14.96 29.15 -22.79
CA ARG A 100 -14.38 29.56 -24.06
C ARG A 100 -12.93 29.10 -24.09
N TRP A 101 -12.54 28.41 -25.17
CA TRP A 101 -11.20 27.85 -25.28
C TRP A 101 -10.37 28.67 -26.26
N PRO A 102 -9.44 29.50 -25.78
CA PRO A 102 -8.61 30.32 -26.68
C PRO A 102 -7.21 29.77 -26.95
N PHE A 103 -6.91 28.55 -26.51
CA PHE A 103 -5.56 28.01 -26.60
C PHE A 103 -5.34 27.14 -27.82
N GLY A 104 -6.29 27.10 -28.75
CA GLY A 104 -6.13 26.34 -29.97
C GLY A 104 -6.49 24.88 -29.80
N ASN A 105 -6.35 24.14 -30.89
CA ASN A 105 -6.72 22.74 -30.92
C ASN A 105 -5.63 21.84 -30.34
N TYR A 106 -4.36 22.21 -30.55
CA TYR A 106 -3.26 21.39 -30.04
C TYR A 106 -3.21 21.39 -28.52
N LEU A 107 -3.32 22.58 -27.91
CA LEU A 107 -3.19 22.68 -26.46
C LEU A 107 -4.34 22.01 -25.72
N CYS A 108 -5.48 21.79 -26.39
CA CYS A 108 -6.57 21.08 -25.70
C CYS A 108 -6.39 19.57 -25.79
N LYS A 109 -5.88 19.08 -26.92
CA LYS A 109 -5.56 17.65 -27.01
C LYS A 109 -4.51 17.26 -25.99
N ILE A 110 -3.65 18.19 -25.59
CA ILE A 110 -2.67 17.93 -24.55
C ILE A 110 -3.30 18.10 -23.17
N ALA A 111 -4.10 19.15 -22.99
CA ALA A 111 -4.69 19.42 -21.69
C ALA A 111 -5.73 18.37 -21.32
N SER A 112 -6.56 17.96 -22.29
CA SER A 112 -7.55 16.93 -22.02
C SER A 112 -6.90 15.57 -21.82
N ALA A 113 -5.77 15.32 -22.48
CA ALA A 113 -5.05 14.07 -22.27
C ALA A 113 -4.35 14.08 -20.91
N SER A 114 -3.79 15.21 -20.51
CA SER A 114 -3.12 15.30 -19.21
C SER A 114 -4.10 15.04 -18.07
N VAL A 115 -5.36 15.40 -18.24
CA VAL A 115 -6.37 15.09 -17.23
C VAL A 115 -6.68 13.60 -17.23
N SER A 116 -6.81 13.00 -18.41
CA SER A 116 -7.08 11.57 -18.49
C SER A 116 -5.85 10.75 -18.14
N PHE A 117 -4.66 11.20 -18.57
CA PHE A 117 -3.44 10.48 -18.26
C PHE A 117 -3.18 10.47 -16.75
N ASN A 118 -3.44 11.58 -16.07
CA ASN A 118 -3.19 11.65 -14.63
C ASN A 118 -4.15 10.77 -13.85
N LEU A 119 -5.38 10.59 -14.35
CA LEU A 119 -6.35 9.75 -13.65
C LEU A 119 -5.88 8.30 -13.61
N TYR A 120 -5.61 7.73 -14.78
CA TYR A 120 -5.20 6.32 -14.84
C TYR A 120 -3.84 6.12 -14.16
N ALA A 121 -2.90 7.04 -14.40
CA ALA A 121 -1.55 6.86 -13.84
C ALA A 121 -1.56 6.92 -12.32
N SER A 122 -2.27 7.90 -11.75
CA SER A 122 -2.31 8.02 -10.30
C SER A 122 -3.02 6.82 -9.67
N VAL A 123 -4.08 6.34 -10.32
CA VAL A 123 -4.83 5.21 -9.76
C VAL A 123 -4.07 3.89 -9.96
N PHE A 124 -3.33 3.75 -11.07
CA PHE A 124 -2.51 2.57 -11.24
C PHE A 124 -1.36 2.53 -10.23
N LEU A 125 -0.74 3.69 -9.99
CA LEU A 125 0.38 3.74 -9.04
C LEU A 125 -0.08 3.38 -7.63
N LEU A 126 -1.26 3.87 -7.23
CA LEU A 126 -1.80 3.49 -5.93
C LEU A 126 -2.13 2.01 -5.87
N THR A 127 -2.48 1.40 -7.01
CA THR A 127 -2.77 -0.03 -7.05
C THR A 127 -1.51 -0.85 -6.82
N CYS A 128 -0.43 -0.52 -7.54
CA CYS A 128 0.82 -1.25 -7.34
C CYS A 128 1.44 -0.94 -5.99
N LEU A 129 1.28 0.30 -5.50
CA LEU A 129 1.77 0.63 -4.16
C LEU A 129 1.01 -0.14 -3.09
N SER A 130 -0.28 -0.40 -3.31
CA SER A 130 -1.04 -1.22 -2.37
C SER A 130 -0.61 -2.68 -2.44
N ILE A 131 -0.35 -3.18 -3.65
CA ILE A 131 0.14 -4.55 -3.80
C ILE A 131 1.51 -4.69 -3.15
N ASP A 132 2.37 -3.68 -3.33
CA ASP A 132 3.69 -3.72 -2.71
C ASP A 132 3.59 -3.72 -1.19
N ARG A 133 2.59 -3.02 -0.65
CA ARG A 133 2.41 -3.00 0.80
C ARG A 133 1.90 -4.34 1.32
N TYR A 134 1.09 -5.05 0.53
CA TYR A 134 0.65 -6.37 0.94
C TYR A 134 1.81 -7.36 0.96
N LEU A 135 2.66 -7.33 -0.06
CA LEU A 135 3.78 -8.27 -0.12
C LEU A 135 4.82 -7.96 0.94
N ALA A 136 5.08 -6.67 1.19
CA ALA A 136 6.12 -6.31 2.15
C ALA A 136 5.71 -6.65 3.58
N ILE A 137 4.42 -6.50 3.90
CA ILE A 137 3.98 -6.70 5.28
C ILE A 137 3.69 -8.16 5.56
N VAL A 138 3.07 -8.86 4.61
CA VAL A 138 2.62 -10.23 4.85
C VAL A 138 3.69 -11.25 4.47
N HIS A 139 4.40 -11.03 3.36
CA HIS A 139 5.44 -11.95 2.89
C HIS A 139 6.76 -11.18 2.73
N PRO A 140 7.37 -10.77 3.84
CA PRO A 140 8.61 -9.96 3.72
C PRO A 140 9.77 -10.73 3.14
N MET A 141 9.90 -12.01 3.48
CA MET A 141 11.05 -12.82 3.07
C MET A 141 10.85 -13.45 1.70
N LYS A 142 9.62 -13.87 1.36
CA LYS A 142 9.38 -14.56 0.11
C LYS A 142 9.22 -13.63 -1.07
N SER A 143 8.87 -12.36 -0.83
CA SER A 143 8.64 -11.40 -1.91
C SER A 143 9.74 -10.35 -1.99
N ARG A 144 10.82 -10.49 -1.22
CA ARG A 144 11.88 -9.48 -1.22
C ARG A 144 12.66 -9.51 -2.53
N LEU A 145 13.00 -10.71 -3.02
CA LEU A 145 13.81 -10.81 -4.23
C LEU A 145 13.03 -10.47 -5.49
N ARG A 146 11.71 -10.56 -5.45
CA ARG A 146 10.87 -10.16 -6.58
C ARG A 146 10.58 -8.67 -6.62
N ARG A 147 10.69 -7.99 -5.48
CA ARG A 147 10.43 -6.55 -5.38
C ARG A 147 11.76 -5.82 -5.35
N THR A 148 12.28 -5.48 -6.53
CA THR A 148 13.55 -4.78 -6.67
C THR A 148 13.31 -3.40 -7.26
N MET A 149 14.41 -2.67 -7.47
CA MET A 149 14.33 -1.36 -8.08
C MET A 149 14.04 -1.46 -9.58
N LEU A 150 14.57 -2.51 -10.23
CA LEU A 150 14.30 -2.70 -11.66
C LEU A 150 12.82 -3.01 -11.91
N VAL A 151 12.22 -3.83 -11.05
CA VAL A 151 10.80 -4.14 -11.19
C VAL A 151 9.96 -2.89 -10.96
N ALA A 152 10.35 -2.06 -10.00
CA ALA A 152 9.58 -0.87 -9.68
C ALA A 152 9.59 0.13 -10.83
N LYS A 153 10.72 0.25 -11.53
CA LYS A 153 10.81 1.19 -12.64
C LYS A 153 10.12 0.66 -13.89
N VAL A 154 10.23 -0.65 -14.15
CA VAL A 154 9.52 -1.24 -15.27
C VAL A 154 8.01 -1.18 -15.04
N THR A 155 7.57 -1.34 -13.79
CA THR A 155 6.15 -1.18 -13.48
C THR A 155 5.67 0.22 -13.81
N CYS A 156 6.52 1.23 -13.56
CA CYS A 156 6.10 2.62 -13.79
C CYS A 156 6.05 2.94 -15.28
N ILE A 157 7.00 2.43 -16.07
CA ILE A 157 6.97 2.71 -17.50
C ILE A 157 5.80 2.01 -18.15
N ILE A 158 5.36 0.87 -17.60
CA ILE A 158 4.14 0.24 -18.11
C ILE A 158 2.92 1.05 -17.69
N ILE A 159 2.93 1.60 -16.47
CA ILE A 159 1.83 2.43 -16.02
C ILE A 159 1.71 3.68 -16.89
N TRP A 160 2.85 4.25 -17.29
CA TRP A 160 2.80 5.39 -18.21
C TRP A 160 2.20 4.99 -19.56
N LEU A 161 2.59 3.82 -20.08
CA LEU A 161 2.06 3.37 -21.37
C LEU A 161 0.58 3.04 -21.27
N LEU A 162 0.18 2.32 -20.21
CA LEU A 162 -1.24 1.98 -20.05
C LEU A 162 -2.09 3.23 -19.83
N ALA A 163 -1.54 4.22 -19.12
CA ALA A 163 -2.27 5.47 -18.95
C ALA A 163 -2.32 6.26 -20.26
N GLY A 164 -1.22 6.28 -21.00
CA GLY A 164 -1.23 6.95 -22.30
C GLY A 164 -2.12 6.23 -23.30
N LEU A 165 -2.15 4.90 -23.24
CA LEU A 165 -3.07 4.14 -24.09
C LEU A 165 -4.52 4.40 -23.70
N ALA A 166 -4.78 4.65 -22.42
CA ALA A 166 -6.13 4.97 -21.97
C ALA A 166 -6.52 6.40 -22.31
N SER A 167 -5.57 7.34 -22.26
CA SER A 167 -5.81 8.72 -22.62
C SER A 167 -5.65 8.98 -24.11
N LEU A 168 -5.56 7.93 -24.92
CA LEU A 168 -5.40 8.04 -26.37
C LEU A 168 -6.64 8.65 -27.03
N PRO A 169 -7.87 8.27 -26.65
CA PRO A 169 -9.03 8.97 -27.23
C PRO A 169 -9.10 10.44 -26.88
N ALA A 170 -8.47 10.86 -25.77
CA ALA A 170 -8.40 12.28 -25.45
C ALA A 170 -7.46 13.05 -26.37
N ILE A 171 -6.67 12.35 -27.17
CA ILE A 171 -5.78 13.01 -28.14
C ILE A 171 -6.30 12.89 -29.57
N ILE A 172 -7.13 11.88 -29.87
CA ILE A 172 -7.60 11.66 -31.23
C ILE A 172 -8.92 12.39 -31.48
N HIS A 173 -9.87 12.29 -30.55
CA HIS A 173 -11.21 12.80 -30.77
C HIS A 173 -11.48 14.16 -30.13
N ARG A 174 -10.70 14.54 -29.11
CA ARG A 174 -10.83 15.86 -28.52
C ARG A 174 -10.48 16.93 -29.56
N ASN A 175 -11.44 17.80 -29.86
CA ASN A 175 -11.23 18.84 -30.85
C ASN A 175 -11.88 20.13 -30.38
N VAL A 176 -11.51 21.22 -31.04
CA VAL A 176 -12.12 22.53 -30.81
C VAL A 176 -13.33 22.64 -31.72
N PHE A 177 -14.51 22.84 -31.12
CA PHE A 177 -15.76 22.90 -31.86
C PHE A 177 -16.37 24.29 -31.73
N PHE A 178 -16.87 24.80 -32.85
CA PHE A 178 -17.57 26.08 -32.89
C PHE A 178 -19.07 25.81 -32.72
N ILE A 179 -19.65 26.35 -31.65
CA ILE A 179 -21.06 26.11 -31.34
C ILE A 179 -21.90 27.15 -32.05
N GLU A 180 -22.70 26.71 -33.02
CA GLU A 180 -23.58 27.62 -33.75
C GLU A 180 -24.67 28.21 -32.87
N ASN A 181 -25.03 27.53 -31.77
CA ASN A 181 -26.10 28.03 -30.91
C ASN A 181 -25.71 29.34 -30.25
N THR A 182 -24.47 29.44 -29.77
CA THR A 182 -24.03 30.59 -28.98
C THR A 182 -22.79 31.27 -29.54
N ASN A 183 -22.29 30.85 -30.70
CA ASN A 183 -21.07 31.40 -31.31
C ASN A 183 -19.89 31.32 -30.35
N ILE A 184 -19.88 30.31 -29.49
CA ILE A 184 -18.85 30.13 -28.46
C ILE A 184 -17.95 28.98 -28.90
N THR A 185 -16.64 29.23 -28.91
CA THR A 185 -15.66 28.24 -29.30
C THR A 185 -15.23 27.45 -28.06
N VAL A 186 -15.61 26.17 -28.01
CA VAL A 186 -15.29 25.31 -26.89
C VAL A 186 -14.47 24.13 -27.40
N CYS A 187 -13.85 23.43 -26.46
CA CYS A 187 -13.17 22.17 -26.73
C CYS A 187 -13.88 21.07 -25.95
N ALA A 188 -14.17 19.96 -26.63
CA ALA A 188 -15.05 18.96 -26.04
C ALA A 188 -15.00 17.68 -26.86
N PHE A 189 -15.64 16.65 -26.32
CA PHE A 189 -16.07 15.50 -27.12
C PHE A 189 -17.47 15.79 -27.65
N HIS A 190 -17.68 15.56 -28.94
CA HIS A 190 -18.98 15.79 -29.57
C HIS A 190 -19.73 14.46 -29.64
N TYR A 191 -20.77 14.31 -28.81
CA TYR A 191 -21.58 13.10 -28.78
C TYR A 191 -22.61 13.18 -29.90
N GLU A 192 -22.12 12.96 -31.13
CA GLU A 192 -22.99 13.06 -32.30
C GLU A 192 -24.06 11.98 -32.26
N SER A 193 -25.26 12.33 -32.73
CA SER A 193 -26.40 11.42 -32.63
C SER A 193 -26.17 10.15 -33.44
N GLN A 194 -25.71 10.28 -34.69
CA GLN A 194 -25.47 9.14 -35.54
C GLN A 194 -24.18 9.35 -36.32
N ASN A 195 -23.57 8.23 -36.72
CA ASN A 195 -22.34 8.23 -37.52
C ASN A 195 -21.21 8.99 -36.82
N SER A 196 -21.07 8.76 -35.52
CA SER A 196 -20.02 9.39 -34.74
C SER A 196 -18.79 8.49 -34.68
N THR A 197 -17.62 9.05 -34.98
CA THR A 197 -16.38 8.29 -34.93
C THR A 197 -15.86 8.09 -33.52
N LEU A 198 -16.49 8.71 -32.52
CA LEU A 198 -16.10 8.56 -31.13
C LEU A 198 -16.60 7.23 -30.57
N PRO A 199 -15.79 6.52 -29.80
CA PRO A 199 -16.27 5.29 -29.17
C PRO A 199 -17.44 5.55 -28.24
N ILE A 200 -18.34 4.57 -28.15
CA ILE A 200 -19.58 4.75 -27.40
C ILE A 200 -19.30 4.85 -25.92
N GLY A 201 -18.61 3.86 -25.36
CA GLY A 201 -18.38 3.82 -23.92
C GLY A 201 -17.02 4.29 -23.49
N LEU A 202 -16.62 5.49 -23.91
CA LEU A 202 -15.34 6.04 -23.46
C LEU A 202 -15.40 6.40 -21.97
N GLY A 203 -16.60 6.72 -21.46
CA GLY A 203 -16.74 6.95 -20.04
C GLY A 203 -16.80 5.69 -19.21
N LEU A 204 -17.18 4.56 -19.81
CA LEU A 204 -17.16 3.30 -19.09
C LEU A 204 -15.73 2.84 -18.79
N THR A 205 -14.78 3.22 -19.65
CA THR A 205 -13.38 2.85 -19.42
C THR A 205 -12.86 3.50 -18.15
N LYS A 206 -13.20 4.78 -17.93
CA LYS A 206 -12.84 5.43 -16.68
C LYS A 206 -13.55 4.82 -15.47
N ASN A 207 -14.70 4.17 -15.69
CA ASN A 207 -15.44 3.59 -14.58
C ASN A 207 -14.77 2.31 -14.08
N ILE A 208 -14.53 1.35 -14.95
CA ILE A 208 -14.01 0.05 -14.55
C ILE A 208 -12.49 0.06 -14.50
N LEU A 209 -11.83 0.50 -15.57
CA LEU A 209 -10.37 0.49 -15.59
C LEU A 209 -9.79 1.59 -14.73
N GLY A 210 -10.52 2.70 -14.57
CA GLY A 210 -10.00 3.83 -13.81
C GLY A 210 -10.46 3.89 -12.37
N PHE A 211 -11.41 3.04 -11.98
CA PHE A 211 -11.90 3.06 -10.61
C PHE A 211 -12.26 1.67 -10.10
N LEU A 212 -13.18 0.98 -10.77
CA LEU A 212 -13.72 -0.26 -10.24
C LEU A 212 -12.62 -1.30 -10.02
N PHE A 213 -11.93 -1.70 -11.10
CA PHE A 213 -10.87 -2.70 -10.97
C PHE A 213 -9.76 -2.28 -10.02
N PRO A 214 -9.18 -1.07 -10.10
CA PRO A 214 -8.08 -0.75 -9.18
C PRO A 214 -8.51 -0.65 -7.73
N PHE A 215 -9.70 -0.08 -7.47
CA PHE A 215 -10.17 0.02 -6.08
C PHE A 215 -10.34 -1.35 -5.46
N LEU A 216 -10.84 -2.32 -6.23
CA LEU A 216 -11.00 -3.67 -5.72
C LEU A 216 -9.65 -4.32 -5.44
N ILE A 217 -8.60 -3.91 -6.15
CA ILE A 217 -7.26 -4.41 -5.84
C ILE A 217 -6.68 -3.68 -4.64
N ILE A 218 -6.92 -2.37 -4.55
CA ILE A 218 -6.46 -1.61 -3.39
C ILE A 218 -7.20 -2.06 -2.13
N LEU A 219 -8.53 -2.24 -2.23
CA LEU A 219 -9.29 -2.70 -1.09
C LEU A 219 -8.88 -4.09 -0.65
N THR A 220 -8.63 -4.99 -1.61
CA THR A 220 -8.20 -6.35 -1.26
C THR A 220 -6.83 -6.34 -0.61
N SER A 221 -5.90 -5.53 -1.12
CA SER A 221 -4.54 -5.50 -0.58
C SER A 221 -4.53 -5.07 0.87
N TYR A 222 -5.27 -4.00 1.19
CA TYR A 222 -5.29 -3.51 2.57
C TYR A 222 -6.20 -4.33 3.47
N THR A 223 -7.18 -5.04 2.92
CA THR A 223 -7.97 -5.96 3.73
C THR A 223 -7.12 -7.14 4.17
N LEU A 224 -6.23 -7.63 3.30
CA LEU A 224 -5.33 -8.70 3.69
C LEU A 224 -4.33 -8.24 4.74
N ILE A 225 -3.88 -6.98 4.64
CA ILE A 225 -3.02 -6.42 5.68
C ILE A 225 -3.80 -6.26 6.98
N TRP A 226 -5.06 -5.84 6.88
CA TRP A 226 -5.92 -5.72 8.05
C TRP A 226 -6.05 -7.06 8.76
N LYS A 227 -6.32 -8.13 8.01
CA LYS A 227 -6.49 -9.44 8.61
C LYS A 227 -5.16 -9.98 9.14
N ALA A 228 -4.06 -9.70 8.45
CA ALA A 228 -2.76 -10.20 8.89
C ALA A 228 -2.34 -9.56 10.20
N LEU A 229 -2.46 -8.23 10.30
CA LEU A 229 -2.10 -7.55 11.54
C LEU A 229 -3.03 -7.91 12.68
N LYS A 230 -4.30 -8.21 12.37
CA LYS A 230 -5.24 -8.62 13.41
C LYS A 230 -4.85 -9.98 13.99
N LYS A 231 -4.48 -10.93 13.13
CA LYS A 231 -4.04 -12.24 13.60
C LYS A 231 -2.80 -12.12 14.48
N ALA A 232 -1.89 -11.21 14.13
CA ALA A 232 -0.68 -11.03 14.92
C ALA A 232 -0.97 -10.27 16.21
N TYR A 233 -1.81 -9.23 16.15
CA TYR A 233 -2.09 -8.45 17.36
C TYR A 233 -2.95 -9.24 18.34
N ASP A 234 -3.94 -9.99 17.83
CA ASP A 234 -4.78 -10.80 18.71
C ASP A 234 -3.97 -11.93 19.35
N LEU A 235 -2.95 -12.44 18.65
CA LEU A 235 -2.09 -13.46 19.25
C LEU A 235 -1.27 -12.88 20.38
N GLU A 236 -0.70 -11.68 20.19
CA GLU A 236 0.04 -11.03 21.26
C GLU A 236 -0.85 -10.70 22.45
N ASP A 237 -2.13 -10.39 22.19
CA ASP A 237 -3.07 -10.13 23.28
C ASP A 237 -3.39 -11.41 24.05
N ASN A 238 -3.33 -12.56 23.39
CA ASN A 238 -3.60 -13.81 24.08
C ASN A 238 -2.45 -14.19 25.02
N TRP A 239 -1.21 -13.95 24.59
CA TRP A 239 -0.07 -14.21 25.47
C TRP A 239 -0.05 -13.23 26.64
N GLU A 240 -0.40 -11.97 26.40
CA GLU A 240 -0.45 -10.99 27.47
C GLU A 240 -1.56 -11.32 28.48
N THR A 241 -2.65 -11.93 28.02
CA THR A 241 -3.71 -12.33 28.94
C THR A 241 -3.26 -13.49 29.81
N LEU A 242 -2.49 -14.42 29.25
CA LEU A 242 -2.00 -15.56 30.03
C LEU A 242 -1.04 -15.09 31.13
N ASN A 243 -0.06 -14.27 30.76
CA ASN A 243 0.95 -13.85 31.73
C ASN A 243 0.36 -12.95 32.81
N ASP A 244 -0.57 -12.06 32.44
CA ASP A 244 -1.21 -11.21 33.44
C ASP A 244 -2.06 -12.03 34.40
N ASN A 245 -2.79 -13.03 33.88
CA ASN A 245 -3.58 -13.88 34.76
C ASN A 245 -2.71 -14.79 35.60
N LEU A 246 -1.57 -15.24 35.07
CA LEU A 246 -0.64 -16.01 35.88
C LEU A 246 -0.12 -15.20 37.05
N LYS A 247 0.09 -13.89 36.84
CA LYS A 247 0.45 -13.01 37.94
C LYS A 247 -0.73 -12.81 38.89
N VAL A 248 -1.95 -12.83 38.38
CA VAL A 248 -3.12 -12.72 39.23
C VAL A 248 -3.27 -13.98 40.08
N ILE A 249 -2.95 -15.15 39.51
CA ILE A 249 -3.02 -16.39 40.27
C ILE A 249 -2.00 -16.39 41.40
N GLU A 250 -0.79 -15.90 41.13
CA GLU A 250 0.24 -15.86 42.15
C GLU A 250 -0.13 -14.91 43.29
N LYS A 251 -0.84 -13.84 42.98
CA LYS A 251 -1.28 -12.88 43.98
C LYS A 251 -2.71 -13.13 44.45
N ALA A 252 -3.30 -14.26 44.07
CA ALA A 252 -4.66 -14.56 44.48
C ALA A 252 -4.70 -14.98 45.94
N ASP A 253 -5.87 -14.80 46.56
CA ASP A 253 -6.05 -15.14 47.97
C ASP A 253 -7.25 -16.03 48.24
N ASN A 254 -8.18 -16.19 47.30
CA ASN A 254 -9.32 -17.07 47.46
C ASN A 254 -9.52 -17.89 46.18
N ALA A 255 -10.46 -18.83 46.25
CA ALA A 255 -10.71 -19.71 45.11
C ALA A 255 -11.39 -18.99 43.95
N ALA A 256 -12.05 -17.86 44.22
CA ALA A 256 -12.73 -17.14 43.15
C ALA A 256 -11.73 -16.41 42.25
N GLN A 257 -10.68 -15.83 42.84
CA GLN A 257 -9.67 -15.14 42.05
C GLN A 257 -8.88 -16.11 41.18
N VAL A 258 -8.63 -17.33 41.67
CA VAL A 258 -7.94 -18.32 40.86
C VAL A 258 -8.86 -18.91 39.80
N LYS A 259 -10.16 -19.04 40.10
CA LYS A 259 -11.09 -19.58 39.12
C LYS A 259 -11.32 -18.59 37.98
N ASP A 260 -11.43 -17.30 38.30
CA ASP A 260 -11.65 -16.30 37.26
C ASP A 260 -10.42 -16.16 36.36
N ALA A 261 -9.22 -16.25 36.94
CA ALA A 261 -8.00 -16.14 36.14
C ALA A 261 -7.74 -17.38 35.32
N LEU A 262 -8.01 -18.57 35.87
CA LEU A 262 -7.80 -19.80 35.12
C LEU A 262 -8.83 -19.96 34.02
N THR A 263 -10.03 -19.41 34.21
CA THR A 263 -11.04 -19.44 33.14
C THR A 263 -10.63 -18.54 31.99
N LYS A 264 -10.08 -17.36 32.30
CA LYS A 264 -9.61 -16.46 31.26
C LYS A 264 -8.39 -17.04 30.54
N MET A 265 -7.62 -17.89 31.20
CA MET A 265 -6.46 -18.51 30.57
C MET A 265 -6.87 -19.63 29.62
N ARG A 266 -7.88 -20.42 30.00
CA ARG A 266 -8.37 -21.46 29.10
C ARG A 266 -9.01 -20.85 27.85
N ALA A 267 -9.77 -19.77 28.02
CA ALA A 267 -10.37 -19.12 26.87
C ALA A 267 -9.32 -18.47 25.98
N ALA A 268 -8.27 -17.89 26.59
CA ALA A 268 -7.21 -17.27 25.81
C ALA A 268 -6.34 -18.32 25.13
N ALA A 269 -6.17 -19.49 25.75
CA ALA A 269 -5.37 -20.54 25.14
C ALA A 269 -6.03 -21.08 23.88
N LEU A 270 -7.35 -21.28 23.92
CA LEU A 270 -8.06 -21.72 22.73
C LEU A 270 -8.11 -20.64 21.66
N ASP A 271 -8.15 -19.37 22.06
CA ASP A 271 -8.03 -18.28 21.09
C ASP A 271 -6.65 -18.30 20.43
N ALA A 272 -5.61 -18.53 21.22
CA ALA A 272 -4.26 -18.57 20.66
C ALA A 272 -4.04 -19.81 19.80
N GLN A 273 -4.77 -20.89 20.07
CA GLN A 273 -4.63 -22.10 19.26
C GLN A 273 -5.21 -21.90 17.87
N LYS A 274 -6.37 -21.23 17.78
CA LYS A 274 -7.01 -20.96 16.50
C LYS A 274 -6.37 -19.74 15.83
N ALA A 275 -5.07 -19.85 15.59
CA ALA A 275 -4.31 -18.78 14.96
C ALA A 275 -3.93 -19.15 13.53
N HIS A 295 1.90 -27.17 17.88
CA HIS A 295 0.50 -27.25 18.25
C HIS A 295 0.33 -28.01 19.57
N GLY A 296 1.12 -27.63 20.57
CA GLY A 296 1.01 -28.21 21.89
C GLY A 296 0.08 -27.42 22.79
N PHE A 297 -0.83 -26.65 22.17
CA PHE A 297 -1.75 -25.83 22.94
C PHE A 297 -2.81 -26.68 23.64
N ASP A 298 -3.16 -27.82 23.07
CA ASP A 298 -4.08 -28.74 23.75
C ASP A 298 -3.45 -29.32 25.00
N ILE A 299 -2.12 -29.42 25.04
CA ILE A 299 -1.45 -29.87 26.26
C ILE A 299 -1.53 -28.80 27.34
N LEU A 300 -1.47 -27.53 26.94
CA LEU A 300 -1.62 -26.44 27.91
C LEU A 300 -3.05 -26.31 28.37
N VAL A 301 -4.01 -26.40 27.45
CA VAL A 301 -5.42 -26.29 27.82
C VAL A 301 -5.84 -27.46 28.70
N GLY A 302 -5.27 -28.64 28.44
CA GLY A 302 -5.57 -29.79 29.29
C GLY A 302 -5.06 -29.63 30.70
N GLN A 303 -3.92 -28.95 30.87
CA GLN A 303 -3.40 -28.69 32.21
C GLN A 303 -4.16 -27.57 32.90
N ILE A 304 -4.66 -26.59 32.14
CA ILE A 304 -5.52 -25.58 32.73
C ILE A 304 -6.83 -26.21 33.19
N ASP A 305 -7.35 -27.17 32.41
CA ASP A 305 -8.55 -27.90 32.83
C ASP A 305 -8.29 -28.71 34.09
N ASP A 306 -7.05 -29.15 34.30
CA ASP A 306 -6.72 -29.86 35.53
C ASP A 306 -6.64 -28.89 36.71
N ALA A 307 -6.10 -27.69 36.48
CA ALA A 307 -6.05 -26.68 37.53
C ALA A 307 -7.45 -26.16 37.87
N LEU A 308 -8.37 -26.19 36.91
CA LEU A 308 -9.75 -25.78 37.18
C LEU A 308 -10.45 -26.79 38.08
N LYS A 309 -10.09 -28.07 37.99
CA LYS A 309 -10.71 -29.07 38.84
C LYS A 309 -10.30 -28.89 40.30
N LEU A 310 -9.13 -28.29 40.55
CA LEU A 310 -8.68 -28.05 41.92
C LEU A 310 -9.33 -26.81 42.51
N ALA A 311 -9.43 -25.72 41.73
CA ALA A 311 -10.00 -24.49 42.24
C ALA A 311 -11.50 -24.62 42.49
N ASN A 312 -12.19 -25.50 41.76
CA ASN A 312 -13.62 -25.66 41.96
C ASN A 312 -13.93 -26.40 43.26
N GLU A 313 -13.02 -27.27 43.71
CA GLU A 313 -13.21 -28.04 44.93
C GLU A 313 -12.70 -27.32 46.18
N GLY A 314 -12.37 -26.04 46.06
CA GLY A 314 -11.90 -25.27 47.20
C GLY A 314 -10.41 -25.34 47.46
N LYS A 315 -9.64 -25.98 46.57
CA LYS A 315 -8.20 -26.09 46.73
C LYS A 315 -7.55 -24.87 46.11
N VAL A 316 -7.18 -23.90 46.94
CA VAL A 316 -6.56 -22.67 46.45
C VAL A 316 -5.06 -22.81 46.33
N LYS A 317 -4.42 -23.52 47.27
CA LYS A 317 -2.98 -23.70 47.21
C LYS A 317 -2.59 -24.68 46.10
N GLU A 318 -3.42 -25.70 45.85
CA GLU A 318 -3.09 -26.66 44.80
C GLU A 318 -3.29 -26.07 43.41
N ALA A 319 -4.20 -25.11 43.27
CA ALA A 319 -4.43 -24.50 41.96
C ALA A 319 -3.33 -23.53 41.59
N GLN A 320 -2.78 -22.81 42.58
CA GLN A 320 -1.71 -21.86 42.30
C GLN A 320 -0.44 -22.56 41.83
N ALA A 321 -0.16 -23.74 42.38
CA ALA A 321 1.06 -24.46 42.03
C ALA A 321 1.00 -25.00 40.60
N ALA A 322 -0.19 -25.44 40.16
CA ALA A 322 -0.32 -25.99 38.82
C ALA A 322 -0.07 -24.92 37.76
N ALA A 323 -0.63 -23.73 37.94
CA ALA A 323 -0.40 -22.65 36.98
C ALA A 323 1.03 -22.15 37.03
N GLU A 324 1.66 -22.20 38.22
CA GLU A 324 3.05 -21.77 38.35
C GLU A 324 4.02 -22.73 37.68
N GLN A 325 3.63 -24.00 37.51
CA GLN A 325 4.56 -25.00 37.00
C GLN A 325 4.63 -25.03 35.49
N LEU A 326 3.57 -24.58 34.80
CA LEU A 326 3.54 -24.69 33.35
C LEU A 326 4.12 -23.48 32.65
N LYS A 327 3.82 -22.27 33.12
CA LYS A 327 4.37 -21.07 32.52
C LYS A 327 4.67 -20.02 33.59
N LYS A 336 8.45 -10.13 23.55
CA LYS A 336 8.46 -9.52 24.88
C LYS A 336 8.34 -8.00 24.78
N ASN A 337 8.70 -7.46 23.62
CA ASN A 337 8.64 -6.01 23.41
C ASN A 337 8.45 -5.74 21.92
N LYS A 338 7.51 -6.44 21.31
CA LYS A 338 7.31 -6.35 19.87
C LYS A 338 6.69 -5.00 19.51
N PRO A 339 7.11 -4.40 18.39
CA PRO A 339 6.47 -3.15 17.95
C PRO A 339 5.02 -3.38 17.56
N ARG A 340 4.17 -2.42 17.92
CA ARG A 340 2.73 -2.57 17.70
C ARG A 340 2.11 -1.19 17.61
N ASN A 341 1.16 -1.04 16.68
CA ASN A 341 0.44 0.22 16.47
C ASN A 341 -1.04 -0.10 16.31
N ASP A 342 -1.80 0.08 17.38
CA ASP A 342 -3.23 -0.19 17.34
C ASP A 342 -4.01 0.82 16.50
N ASP A 343 -3.35 1.88 16.01
CA ASP A 343 -3.98 2.85 15.14
C ASP A 343 -3.71 2.57 13.66
N ILE A 344 -3.09 1.44 13.34
CA ILE A 344 -2.84 1.12 11.94
C ILE A 344 -4.15 0.77 11.24
N PHE A 345 -5.14 0.28 11.98
CA PHE A 345 -6.44 -0.01 11.37
C PHE A 345 -7.17 1.26 10.99
N LYS A 346 -7.02 2.32 11.79
CA LYS A 346 -7.56 3.62 11.39
C LYS A 346 -6.85 4.17 10.17
N ILE A 347 -5.55 3.89 10.03
CA ILE A 347 -4.81 4.33 8.86
C ILE A 347 -5.25 3.56 7.62
N ILE A 348 -5.39 2.23 7.76
CA ILE A 348 -5.88 1.42 6.65
C ILE A 348 -7.30 1.85 6.26
N MET A 349 -8.14 2.12 7.26
CA MET A 349 -9.50 2.58 6.98
C MET A 349 -9.48 3.92 6.26
N ALA A 350 -8.57 4.81 6.65
CA ALA A 350 -8.52 6.14 6.04
C ALA A 350 -7.98 6.06 4.62
N ILE A 351 -7.02 5.16 4.36
CA ILE A 351 -6.46 5.04 3.03
C ILE A 351 -7.51 4.55 2.03
N VAL A 352 -8.31 3.56 2.43
CA VAL A 352 -9.30 3.01 1.52
C VAL A 352 -10.42 4.01 1.26
N LEU A 353 -10.95 4.61 2.33
CA LEU A 353 -12.07 5.53 2.16
C LEU A 353 -11.67 6.83 1.47
N PHE A 354 -10.42 7.27 1.65
CA PHE A 354 -9.97 8.47 0.96
C PHE A 354 -9.89 8.26 -0.54
N PHE A 355 -9.54 7.06 -0.98
CA PHE A 355 -9.53 6.76 -2.41
C PHE A 355 -10.94 6.61 -2.95
N PHE A 356 -11.86 6.06 -2.16
CA PHE A 356 -13.22 5.80 -2.63
C PHE A 356 -14.02 7.08 -2.71
N PHE A 357 -14.12 7.82 -1.60
CA PHE A 357 -14.98 9.01 -1.55
C PHE A 357 -14.43 10.16 -2.38
N SER A 358 -13.15 10.11 -2.78
CA SER A 358 -12.62 11.16 -3.62
C SER A 358 -12.94 10.94 -5.10
N TRP A 359 -13.04 9.69 -5.53
CA TRP A 359 -13.31 9.38 -6.93
C TRP A 359 -14.75 8.99 -7.21
N ILE A 360 -15.51 8.56 -6.20
CA ILE A 360 -16.88 8.08 -6.42
C ILE A 360 -17.83 9.21 -6.85
N PRO A 361 -17.59 10.49 -6.54
CA PRO A 361 -18.44 11.52 -7.17
C PRO A 361 -18.15 11.70 -8.64
N HIS A 362 -16.88 11.69 -9.03
CA HIS A 362 -16.53 11.89 -10.43
C HIS A 362 -16.95 10.70 -11.29
N GLN A 363 -16.83 9.49 -10.75
CA GLN A 363 -17.13 8.30 -11.54
C GLN A 363 -18.63 8.10 -11.72
N ILE A 364 -19.45 8.55 -10.76
CA ILE A 364 -20.90 8.42 -10.89
C ILE A 364 -21.41 9.33 -11.99
N PHE A 365 -21.02 10.61 -11.97
CA PHE A 365 -21.46 11.53 -13.01
C PHE A 365 -20.80 11.22 -14.35
N THR A 366 -19.62 10.59 -14.33
CA THR A 366 -19.04 10.08 -15.57
C THR A 366 -19.89 8.96 -16.13
N PHE A 367 -20.39 8.08 -15.27
CA PHE A 367 -21.31 7.03 -15.72
C PHE A 367 -22.63 7.61 -16.19
N LEU A 368 -23.10 8.68 -15.53
CA LEU A 368 -24.30 9.37 -16.00
C LEU A 368 -24.07 10.01 -17.37
N ASP A 369 -22.84 10.44 -17.66
CA ASP A 369 -22.53 10.95 -18.98
C ASP A 369 -22.64 9.86 -20.04
N VAL A 370 -22.35 8.61 -19.68
CA VAL A 370 -22.45 7.52 -20.63
C VAL A 370 -23.91 7.24 -20.97
N LEU A 371 -24.80 7.33 -19.97
CA LEU A 371 -26.22 7.09 -20.22
C LEU A 371 -26.79 8.14 -21.17
N ILE A 372 -26.37 9.39 -21.02
CA ILE A 372 -26.80 10.43 -21.94
C ILE A 372 -26.24 10.18 -23.34
N GLN A 373 -25.03 9.64 -23.42
CA GLN A 373 -24.41 9.39 -24.72
C GLN A 373 -25.05 8.20 -25.42
N LEU A 374 -25.36 7.14 -24.66
CA LEU A 374 -25.97 5.94 -25.24
C LEU A 374 -27.42 6.16 -25.64
N GLY A 375 -28.04 7.25 -25.19
CA GLY A 375 -29.46 7.47 -25.46
C GLY A 375 -30.40 6.95 -24.40
N ILE A 376 -29.87 6.44 -23.28
CA ILE A 376 -30.74 5.97 -22.21
C ILE A 376 -31.52 7.13 -21.61
N ILE A 377 -30.92 8.32 -21.58
CA ILE A 377 -31.57 9.53 -21.11
C ILE A 377 -31.21 10.66 -22.05
N ARG A 378 -32.21 11.42 -22.50
CA ARG A 378 -32.02 12.52 -23.42
C ARG A 378 -32.58 13.84 -22.89
N ASP A 379 -32.98 13.88 -21.62
CA ASP A 379 -33.53 15.10 -21.04
C ASP A 379 -32.44 16.12 -20.80
N CYS A 380 -32.67 17.36 -21.23
CA CYS A 380 -31.73 18.44 -20.96
C CYS A 380 -31.77 18.90 -19.51
N ARG A 381 -32.80 18.52 -18.74
CA ARG A 381 -32.84 18.89 -17.33
C ARG A 381 -31.80 18.12 -16.53
N ILE A 382 -31.70 16.81 -16.78
CA ILE A 382 -30.67 16.02 -16.10
C ILE A 382 -29.30 16.24 -16.70
N ALA A 383 -29.22 16.73 -17.94
CA ALA A 383 -27.93 17.10 -18.50
C ALA A 383 -27.38 18.36 -17.84
N ASP A 384 -28.25 19.21 -17.31
CA ASP A 384 -27.80 20.40 -16.60
C ASP A 384 -27.17 20.04 -15.27
N ILE A 385 -27.85 19.22 -14.47
CA ILE A 385 -27.30 18.83 -13.17
C ILE A 385 -26.05 17.99 -13.32
N VAL A 386 -25.89 17.30 -14.45
CA VAL A 386 -24.66 16.54 -14.70
C VAL A 386 -23.53 17.49 -15.12
N ASP A 387 -23.83 18.45 -15.99
CA ASP A 387 -22.81 19.39 -16.44
C ASP A 387 -22.45 20.43 -15.39
N THR A 388 -23.26 20.60 -14.36
CA THR A 388 -22.92 21.49 -13.26
C THR A 388 -22.08 20.78 -12.20
N ALA A 389 -22.43 19.53 -11.88
CA ALA A 389 -21.70 18.79 -10.86
C ALA A 389 -20.37 18.27 -11.34
N MET A 390 -20.17 18.15 -12.67
CA MET A 390 -18.91 17.61 -13.18
C MET A 390 -17.71 18.46 -12.79
N PRO A 391 -17.73 19.80 -12.91
CA PRO A 391 -16.60 20.57 -12.35
C PRO A 391 -16.47 20.45 -10.84
N ILE A 392 -17.58 20.26 -10.13
CA ILE A 392 -17.52 20.05 -8.69
C ILE A 392 -16.83 18.73 -8.38
N THR A 393 -17.18 17.67 -9.11
CA THR A 393 -16.56 16.37 -8.87
C THR A 393 -15.09 16.35 -9.27
N ILE A 394 -14.71 17.14 -10.28
CA ILE A 394 -13.31 17.26 -10.64
C ILE A 394 -12.53 17.99 -9.55
N CYS A 395 -13.14 19.02 -8.95
CA CYS A 395 -12.49 19.73 -7.87
C CYS A 395 -12.31 18.85 -6.64
N ILE A 396 -13.16 17.85 -6.47
CA ILE A 396 -13.03 16.94 -5.33
C ILE A 396 -12.06 15.81 -5.62
N ALA A 397 -12.09 15.26 -6.82
CA ALA A 397 -11.24 14.11 -7.15
C ALA A 397 -9.78 14.51 -7.26
N TYR A 398 -9.50 15.57 -8.02
CA TYR A 398 -8.11 15.93 -8.31
C TYR A 398 -7.46 16.78 -7.23
N PHE A 399 -8.23 17.37 -6.32
CA PHE A 399 -7.63 18.00 -5.16
C PHE A 399 -7.16 16.96 -4.15
N ASN A 400 -7.97 15.93 -3.91
CA ASN A 400 -7.55 14.84 -3.04
C ASN A 400 -6.44 14.02 -3.68
N ASN A 401 -6.44 13.90 -5.01
CA ASN A 401 -5.41 13.11 -5.67
C ASN A 401 -4.06 13.81 -5.64
N CYS A 402 -4.04 15.14 -5.72
CA CYS A 402 -2.79 15.89 -5.62
C CYS A 402 -2.24 15.97 -4.21
N LEU A 403 -3.01 15.53 -3.21
CA LEU A 403 -2.53 15.41 -1.85
C LEU A 403 -2.13 13.99 -1.48
N ASN A 404 -2.28 13.04 -2.42
CA ASN A 404 -1.91 11.65 -2.12
C ASN A 404 -0.40 11.48 -1.97
N PRO A 405 0.46 12.01 -2.85
CA PRO A 405 1.91 11.88 -2.62
C PRO A 405 2.37 12.51 -1.32
N LEU A 406 1.63 13.48 -0.78
CA LEU A 406 2.01 14.09 0.49
C LEU A 406 1.49 13.27 1.67
N PHE A 407 0.27 12.77 1.59
CA PHE A 407 -0.28 11.97 2.68
C PHE A 407 0.44 10.65 2.82
N TYR A 408 0.72 9.97 1.71
CA TYR A 408 1.48 8.73 1.77
C TYR A 408 2.89 8.97 2.27
N GLY A 409 3.44 10.16 2.01
CA GLY A 409 4.78 10.46 2.49
C GLY A 409 4.85 10.57 4.00
N PHE A 410 3.86 11.24 4.60
CA PHE A 410 3.85 11.42 6.04
C PHE A 410 3.70 10.11 6.81
N LEU A 411 3.31 9.02 6.15
CA LEU A 411 3.28 7.72 6.82
C LEU A 411 4.69 7.24 7.18
N GLY A 412 5.68 7.55 6.33
CA GLY A 412 7.05 7.23 6.63
C GLY A 412 7.67 8.22 7.60
N LYS A 413 8.14 7.73 8.74
CA LYS A 413 8.69 8.62 9.76
C LYS A 413 9.96 9.30 9.29
N LYS A 414 10.73 8.65 8.40
CA LYS A 414 11.90 9.31 7.84
C LYS A 414 11.50 10.43 6.88
N PHE A 415 10.44 10.21 6.10
CA PHE A 415 9.96 11.26 5.21
C PHE A 415 9.40 12.43 6.00
N LYS A 416 8.64 12.15 7.06
CA LYS A 416 8.14 13.21 7.93
C LYS A 416 9.27 13.99 8.57
N ARG A 417 10.43 13.34 8.76
CA ARG A 417 11.56 14.02 9.39
C ARG A 417 12.22 15.00 8.42
N TYR A 418 12.52 14.55 7.20
CA TYR A 418 13.11 15.44 6.22
C TYR A 418 12.14 16.55 5.79
N PHE A 419 10.84 16.25 5.82
CA PHE A 419 9.85 17.25 5.40
C PHE A 419 9.83 18.44 6.36
N LEU A 420 9.82 18.16 7.66
CA LEU A 420 9.76 19.23 8.65
C LEU A 420 11.09 19.96 8.78
N GLN A 421 12.20 19.33 8.41
CA GLN A 421 13.48 20.05 8.38
C GLN A 421 13.51 21.05 7.24
N LEU A 422 12.81 20.76 6.14
CA LEU A 422 12.72 21.72 5.04
C LEU A 422 11.89 22.93 5.44
N LEU A 423 10.84 22.73 6.23
CA LEU A 423 9.97 23.83 6.62
C LEU A 423 10.54 24.60 7.81
N LYS A 424 11.38 23.97 8.62
CA LYS A 424 11.97 24.64 9.77
C LYS A 424 13.02 25.65 9.33
N GLN B 1 20.09 2.64 12.56
CA GLN B 1 20.23 1.48 11.68
C GLN B 1 20.19 0.17 12.46
N VAL B 2 19.82 -0.91 11.77
CA VAL B 2 19.79 -2.24 12.36
C VAL B 2 20.85 -3.06 11.62
N GLN B 3 22.03 -3.18 12.23
CA GLN B 3 23.13 -3.90 11.63
C GLN B 3 23.01 -5.40 11.91
N LEU B 4 23.55 -6.20 10.98
CA LEU B 4 23.52 -7.65 11.09
C LEU B 4 24.94 -8.18 10.91
N GLN B 5 25.47 -8.83 11.93
CA GLN B 5 26.78 -9.45 11.89
C GLN B 5 26.62 -10.96 11.77
N GLU B 6 27.20 -11.55 10.74
CA GLU B 6 27.11 -12.97 10.49
C GLU B 6 28.47 -13.64 10.67
N SER B 7 28.44 -14.89 11.11
CA SER B 7 29.66 -15.64 11.38
C SER B 7 29.35 -17.12 11.28
N GLY B 8 30.40 -17.91 11.05
CA GLY B 8 30.28 -19.35 10.92
C GLY B 8 30.66 -19.91 9.56
N GLY B 9 30.98 -19.08 8.58
CA GLY B 9 31.37 -19.59 7.29
C GLY B 9 32.73 -20.28 7.32
N GLY B 10 32.97 -21.08 6.28
CA GLY B 10 34.22 -21.81 6.19
C GLY B 10 34.22 -22.88 5.12
N LEU B 11 35.41 -23.30 4.70
CA LEU B 11 35.56 -24.33 3.67
C LEU B 11 35.54 -25.70 4.34
N VAL B 12 34.51 -26.49 4.05
CA VAL B 12 34.32 -27.81 4.63
C VAL B 12 34.18 -28.82 3.50
N ALA B 13 34.58 -30.06 3.78
CA ALA B 13 34.46 -31.12 2.79
C ALA B 13 32.98 -31.44 2.52
N ALA B 14 32.75 -32.19 1.45
CA ALA B 14 31.40 -32.57 1.08
C ALA B 14 30.79 -33.50 2.13
N GLY B 15 29.53 -33.26 2.46
CA GLY B 15 28.83 -34.03 3.47
C GLY B 15 29.04 -33.57 4.89
N GLY B 16 29.87 -32.56 5.12
CA GLY B 16 30.12 -32.06 6.45
C GLY B 16 28.95 -31.27 7.00
N SER B 17 29.22 -30.58 8.10
CA SER B 17 28.20 -29.79 8.79
C SER B 17 28.75 -28.41 9.13
N LEU B 18 27.84 -27.48 9.39
CA LEU B 18 28.21 -26.12 9.75
C LEU B 18 27.03 -25.46 10.45
N ARG B 19 27.33 -24.39 11.18
CA ARG B 19 26.32 -23.64 11.93
C ARG B 19 26.59 -22.15 11.76
N LEU B 20 25.77 -21.48 10.95
CA LEU B 20 25.88 -20.05 10.75
C LEU B 20 25.10 -19.30 11.82
N SER B 21 25.64 -18.18 12.26
CA SER B 21 25.00 -17.34 13.25
C SER B 21 24.84 -15.92 12.72
N CYS B 22 23.84 -15.22 13.26
CA CYS B 22 23.59 -13.84 12.85
C CYS B 22 22.82 -13.14 13.97
N ALA B 23 23.50 -12.27 14.70
CA ALA B 23 22.88 -11.51 15.78
C ALA B 23 22.55 -10.09 15.28
N ALA B 24 21.39 -9.59 15.70
CA ALA B 24 20.95 -8.25 15.33
C ALA B 24 21.36 -7.26 16.40
N SER B 25 22.14 -6.25 16.02
CA SER B 25 22.60 -5.21 16.93
C SER B 25 22.11 -3.85 16.45
N GLY B 26 21.85 -2.97 17.41
CA GLY B 26 21.38 -1.63 17.10
C GLY B 26 19.89 -1.46 17.00
N ASN B 27 19.11 -2.42 17.48
CA ASN B 27 17.65 -2.37 17.43
C ASN B 27 17.12 -2.13 18.84
N ILE B 28 16.33 -1.08 19.01
CA ILE B 28 15.72 -0.81 20.32
C ILE B 28 14.64 -1.84 20.61
N PHE B 29 13.96 -2.34 19.59
CA PHE B 29 12.88 -3.31 19.74
C PHE B 29 13.27 -4.61 19.05
N ASP B 30 12.48 -5.65 19.33
CA ASP B 30 12.78 -6.97 18.82
C ASP B 30 12.60 -7.03 17.31
N VAL B 31 13.47 -7.80 16.65
CA VAL B 31 13.33 -8.02 15.21
C VAL B 31 12.12 -8.91 14.97
N ASP B 32 11.39 -8.63 13.88
CA ASP B 32 10.16 -9.37 13.60
C ASP B 32 10.47 -10.74 13.00
N ILE B 33 11.08 -10.76 11.81
CA ILE B 33 11.38 -12.00 11.10
C ILE B 33 12.82 -11.94 10.61
N MET B 34 13.54 -13.05 10.75
CA MET B 34 14.91 -13.16 10.26
C MET B 34 15.04 -14.42 9.41
N GLY B 35 16.03 -14.40 8.54
CA GLY B 35 16.23 -15.53 7.66
C GLY B 35 17.60 -15.49 7.02
N TRP B 36 17.81 -16.41 6.06
CA TRP B 36 19.08 -16.55 5.38
C TRP B 36 18.87 -16.63 3.87
N TYR B 37 19.71 -15.91 3.14
CA TYR B 37 19.75 -15.96 1.68
C TYR B 37 21.14 -16.33 1.22
N ARG B 38 21.23 -17.02 0.08
CA ARG B 38 22.50 -17.36 -0.52
C ARG B 38 22.49 -17.01 -2.00
N GLN B 39 23.66 -16.62 -2.50
CA GLN B 39 23.84 -16.26 -3.91
C GLN B 39 24.94 -17.13 -4.50
N ALA B 40 24.55 -18.08 -5.36
CA ALA B 40 25.51 -18.90 -6.05
C ALA B 40 26.24 -18.08 -7.12
N PRO B 41 27.47 -18.44 -7.46
CA PRO B 41 28.19 -17.69 -8.51
C PRO B 41 27.51 -17.84 -9.85
N GLY B 42 27.28 -16.71 -10.52
CA GLY B 42 26.59 -16.70 -11.80
C GLY B 42 25.09 -16.90 -11.72
N LYS B 43 24.55 -17.20 -10.54
CA LYS B 43 23.12 -17.42 -10.37
C LYS B 43 22.54 -16.36 -9.45
N GLU B 44 21.23 -16.16 -9.57
CA GLU B 44 20.56 -15.14 -8.78
C GLU B 44 20.41 -15.59 -7.33
N ARG B 45 20.15 -14.61 -6.47
CA ARG B 45 19.98 -14.89 -5.05
C ARG B 45 18.66 -15.61 -4.80
N GLU B 46 18.65 -16.46 -3.78
CA GLU B 46 17.47 -17.21 -3.40
C GLU B 46 17.33 -17.22 -1.88
N LEU B 47 16.12 -17.52 -1.42
CA LEU B 47 15.84 -17.61 0.01
C LEU B 47 16.07 -19.04 0.48
N VAL B 48 16.97 -19.21 1.45
CA VAL B 48 17.25 -20.53 1.98
C VAL B 48 16.24 -20.91 3.04
N ALA B 49 16.18 -20.15 4.13
CA ALA B 49 15.26 -20.44 5.22
C ALA B 49 14.99 -19.15 5.99
N SER B 50 13.83 -19.11 6.64
CA SER B 50 13.44 -17.99 7.47
C SER B 50 12.66 -18.51 8.67
N ILE B 51 12.76 -17.78 9.78
CA ILE B 51 12.08 -18.16 11.02
C ILE B 51 11.55 -16.89 11.67
N THR B 52 10.30 -16.93 12.13
CA THR B 52 9.67 -15.79 12.77
C THR B 52 9.91 -15.84 14.28
N ASP B 53 9.45 -14.80 14.97
CA ASP B 53 9.60 -14.75 16.42
C ASP B 53 8.79 -15.83 17.13
N GLY B 54 7.78 -16.39 16.46
CA GLY B 54 6.99 -17.45 17.05
C GLY B 54 7.65 -18.81 16.96
N GLY B 55 8.29 -19.08 15.82
CA GLY B 55 8.99 -20.35 15.63
C GLY B 55 8.69 -21.00 14.31
N SER B 56 7.80 -20.41 13.51
CA SER B 56 7.46 -20.96 12.22
C SER B 56 8.62 -20.81 11.25
N THR B 57 8.99 -21.89 10.58
CA THR B 57 10.09 -21.91 9.64
C THR B 57 9.60 -22.25 8.24
N ASN B 58 10.30 -21.72 7.24
CA ASN B 58 9.99 -21.98 5.84
C ASN B 58 11.29 -22.26 5.11
N TYR B 59 11.50 -23.51 4.72
CA TYR B 59 12.72 -23.94 4.05
C TYR B 59 12.51 -24.05 2.55
N ALA B 60 13.60 -23.90 1.81
CA ALA B 60 13.57 -24.11 0.38
C ALA B 60 13.61 -25.60 0.06
N ASP B 61 13.13 -25.95 -1.13
CA ASP B 61 13.06 -27.35 -1.54
C ASP B 61 14.46 -27.95 -1.72
N SER B 62 15.47 -27.13 -2.00
CA SER B 62 16.82 -27.64 -2.20
C SER B 62 17.57 -27.89 -0.91
N VAL B 63 17.07 -27.39 0.23
CA VAL B 63 17.72 -27.58 1.52
C VAL B 63 16.78 -28.14 2.57
N LYS B 64 15.55 -28.46 2.22
CA LYS B 64 14.61 -29.02 3.19
C LYS B 64 15.07 -30.39 3.65
N GLY B 65 15.01 -30.63 4.96
CA GLY B 65 15.46 -31.86 5.55
C GLY B 65 16.93 -31.89 5.91
N ARG B 66 17.74 -30.99 5.34
CA ARG B 66 19.17 -30.91 5.63
C ARG B 66 19.49 -29.73 6.54
N PHE B 67 19.05 -28.53 6.17
CA PHE B 67 19.30 -27.34 6.96
C PHE B 67 18.24 -27.21 8.04
N THR B 68 18.67 -26.74 9.21
CA THR B 68 17.78 -26.52 10.35
C THR B 68 18.03 -25.12 10.89
N ILE B 69 17.11 -24.21 10.63
CA ILE B 69 17.23 -22.83 11.10
C ILE B 69 16.53 -22.71 12.45
N SER B 70 17.13 -21.92 13.34
CA SER B 70 16.58 -21.67 14.67
C SER B 70 16.95 -20.25 15.06
N ARG B 71 16.45 -19.83 16.22
CA ARG B 71 16.73 -18.48 16.70
C ARG B 71 16.55 -18.44 18.21
N ASP B 72 17.02 -17.35 18.80
CA ASP B 72 16.86 -17.06 20.22
C ASP B 72 16.33 -15.64 20.33
N ASN B 73 15.03 -15.51 20.65
CA ASN B 73 14.40 -14.20 20.70
C ASN B 73 15.00 -13.30 21.77
N ALA B 74 15.67 -13.87 22.77
CA ALA B 74 16.25 -13.06 23.83
C ALA B 74 17.44 -12.26 23.32
N LYS B 75 18.33 -12.90 22.55
CA LYS B 75 19.52 -12.26 22.02
C LYS B 75 19.35 -11.74 20.59
N ASN B 76 18.20 -11.98 19.97
CA ASN B 76 17.94 -11.60 18.58
C ASN B 76 19.02 -12.14 17.65
N THR B 77 19.20 -13.45 17.70
CA THR B 77 20.18 -14.16 16.90
C THR B 77 19.51 -15.34 16.21
N VAL B 78 19.88 -15.59 14.97
CA VAL B 78 19.37 -16.72 14.20
C VAL B 78 20.53 -17.66 13.89
N TYR B 79 20.26 -18.96 13.98
CA TYR B 79 21.26 -20.00 13.75
C TYR B 79 20.80 -20.89 12.61
N LEU B 80 21.68 -21.08 11.63
CA LEU B 80 21.42 -21.96 10.49
C LEU B 80 22.35 -23.17 10.62
N ALA B 81 21.83 -24.24 11.22
CA ALA B 81 22.61 -25.46 11.41
C ALA B 81 22.56 -26.26 10.11
N MET B 82 23.63 -26.18 9.33
CA MET B 82 23.71 -26.87 8.05
C MET B 82 24.32 -28.26 8.25
N ALA B 83 23.68 -29.27 7.67
CA ALA B 83 24.15 -30.64 7.73
C ALA B 83 24.07 -31.27 6.34
N SER B 84 24.96 -32.23 6.10
CA SER B 84 25.05 -32.91 4.80
C SER B 84 25.27 -31.90 3.67
N LEU B 85 26.27 -31.04 3.84
CA LEU B 85 26.52 -29.98 2.88
C LEU B 85 26.97 -30.56 1.54
N LYS B 86 26.40 -30.04 0.47
CA LYS B 86 26.68 -30.45 -0.90
C LYS B 86 27.46 -29.37 -1.64
N PRO B 87 28.21 -29.74 -2.67
CA PRO B 87 28.92 -28.72 -3.46
C PRO B 87 27.98 -27.74 -4.16
N GLU B 88 26.69 -28.06 -4.27
CA GLU B 88 25.74 -27.10 -4.82
C GLU B 88 25.48 -25.95 -3.85
N ASP B 89 25.67 -26.20 -2.55
CA ASP B 89 25.44 -25.18 -1.52
C ASP B 89 26.57 -24.15 -1.44
N THR B 90 27.57 -24.25 -2.30
CA THR B 90 28.69 -23.30 -2.30
C THR B 90 28.18 -21.95 -2.76
N ALA B 91 28.01 -21.02 -1.82
CA ALA B 91 27.52 -19.69 -2.12
C ALA B 91 27.86 -18.77 -0.95
N VAL B 92 27.58 -17.48 -1.15
CA VAL B 92 27.74 -16.49 -0.09
C VAL B 92 26.39 -16.35 0.60
N TYR B 93 26.33 -16.73 1.87
CA TYR B 93 25.09 -16.73 2.63
C TYR B 93 24.91 -15.37 3.30
N TYR B 94 23.79 -14.72 3.00
CA TYR B 94 23.46 -13.41 3.53
C TYR B 94 22.39 -13.54 4.62
N CYS B 95 22.49 -12.70 5.63
CA CYS B 95 21.51 -12.64 6.71
C CYS B 95 20.53 -11.50 6.46
N ALA B 96 19.26 -11.74 6.76
CA ALA B 96 18.22 -10.73 6.57
C ALA B 96 17.38 -10.66 7.83
N ALA B 97 16.74 -9.50 8.03
CA ALA B 97 15.94 -9.26 9.21
C ALA B 97 14.96 -8.13 8.95
N VAL B 98 13.76 -8.26 9.52
CA VAL B 98 12.72 -7.24 9.41
C VAL B 98 12.47 -6.69 10.80
N ALA B 99 12.74 -5.40 10.99
CA ALA B 99 12.57 -4.74 12.28
C ALA B 99 11.77 -3.47 12.08
N TYR B 100 10.68 -3.32 12.85
CA TYR B 100 9.83 -2.14 12.77
C TYR B 100 10.12 -1.19 13.92
N PRO B 101 9.95 0.11 13.70
CA PRO B 101 10.17 1.09 14.76
C PRO B 101 9.01 1.08 15.76
N ASP B 102 9.10 1.98 16.74
CA ASP B 102 8.03 2.12 17.71
C ASP B 102 6.82 2.79 17.06
N ILE B 103 5.63 2.29 17.40
CA ILE B 103 4.38 2.73 16.78
C ILE B 103 4.54 2.63 15.27
N PRO B 104 4.68 1.43 14.70
CA PRO B 104 4.99 1.33 13.27
C PRO B 104 3.80 1.61 12.38
N THR B 105 4.05 2.39 11.33
CA THR B 105 3.06 2.63 10.28
C THR B 105 3.20 1.68 9.12
N TYR B 106 4.23 0.83 9.13
CA TYR B 106 4.50 -0.16 8.08
C TYR B 106 4.75 0.48 6.72
N PHE B 107 5.16 1.74 6.73
CA PHE B 107 5.62 2.44 5.53
C PHE B 107 7.03 2.94 5.78
N ASP B 108 7.96 2.54 4.93
CA ASP B 108 9.36 2.95 5.06
C ASP B 108 9.91 3.21 3.67
N TYR B 109 10.11 4.48 3.34
CA TYR B 109 10.67 4.88 2.05
C TYR B 109 12.19 4.96 2.09
N ASP B 110 12.82 4.51 3.17
CA ASP B 110 14.27 4.53 3.33
C ASP B 110 14.90 3.15 3.27
N SER B 111 14.32 2.17 3.96
CA SER B 111 14.86 0.82 3.96
C SER B 111 13.80 -0.27 3.94
N ASP B 112 12.51 0.09 3.85
CA ASP B 112 11.40 -0.87 3.80
C ASP B 112 11.40 -1.79 5.03
N ASN B 113 11.90 -1.29 6.16
CA ASN B 113 12.05 -2.05 7.40
C ASN B 113 12.80 -3.36 7.19
N PHE B 114 13.66 -3.40 6.18
CA PHE B 114 14.40 -4.61 5.82
C PHE B 114 15.89 -4.31 5.90
N TYR B 115 16.64 -5.20 6.56
CA TYR B 115 18.07 -5.00 6.77
C TYR B 115 18.82 -6.27 6.43
N TRP B 116 19.97 -6.11 5.77
CA TRP B 116 20.79 -7.22 5.31
C TRP B 116 22.05 -7.33 6.15
N GLY B 117 22.93 -8.25 5.73
CA GLY B 117 24.23 -8.42 6.35
C GLY B 117 25.34 -8.34 5.32
N GLN B 118 26.57 -8.43 5.82
CA GLN B 118 27.73 -8.34 4.94
C GLN B 118 27.84 -9.57 4.06
N GLY B 119 27.83 -10.76 4.65
CA GLY B 119 27.94 -12.00 3.88
C GLY B 119 29.11 -12.83 4.37
N THR B 120 28.86 -14.12 4.54
CA THR B 120 29.88 -15.08 4.92
C THR B 120 29.99 -16.15 3.83
N GLN B 121 31.22 -16.44 3.43
CA GLN B 121 31.46 -17.43 2.38
C GLN B 121 31.32 -18.84 2.93
N VAL B 122 30.61 -19.69 2.20
CA VAL B 122 30.46 -21.10 2.53
C VAL B 122 30.83 -21.90 1.29
N THR B 123 31.94 -22.64 1.37
CA THR B 123 32.44 -23.43 0.25
C THR B 123 32.44 -24.90 0.63
N VAL B 124 31.92 -25.73 -0.27
CA VAL B 124 31.84 -27.18 -0.07
C VAL B 124 32.53 -27.83 -1.26
N SER B 125 33.68 -28.46 -1.01
CA SER B 125 34.47 -29.09 -2.05
C SER B 125 34.25 -30.60 -2.06
N SER B 126 34.55 -31.22 -3.20
CA SER B 126 34.39 -32.65 -3.35
C SER B 126 35.61 -33.39 -2.81
N SAR C 1 -25.12 17.14 -31.60
CA SAR C 1 -25.01 16.25 -30.45
C SAR C 1 -24.71 16.92 -29.08
O SAR C 1 -24.80 18.18 -28.96
CN SAR C 1 -26.45 17.15 -32.17
N ARG C 2 -24.35 16.12 -28.09
CA ARG C 2 -24.01 16.64 -26.77
C ARG C 2 -22.57 17.17 -26.77
N VAL C 3 -22.29 18.14 -25.91
CA VAL C 3 -20.99 18.79 -25.82
C VAL C 3 -20.41 18.50 -24.45
N TYR C 4 -19.40 17.62 -24.40
CA TYR C 4 -18.71 17.29 -23.14
C TYR C 4 -17.51 18.22 -23.02
N TYR C 5 -17.77 19.46 -22.63
CA TYR C 5 -16.76 20.51 -22.56
C TYR C 5 -15.92 20.44 -21.28
N HIS C 6 -16.20 19.48 -20.40
CA HIS C 6 -15.48 19.40 -19.14
C HIS C 6 -14.05 18.94 -19.37
N PRO C 7 -13.10 19.36 -18.50
CA PRO C 7 -11.71 18.94 -18.59
C PRO C 7 -11.53 17.42 -18.59
N NH2 C 8 -12.25 16.75 -17.69
C1 NAG D . -24.25 34.25 -33.65
C2 NAG D . -25.44 34.95 -33.00
C3 NAG D . -26.56 35.16 -34.02
C4 NAG D . -26.01 35.89 -35.24
C5 NAG D . -24.79 35.16 -35.79
C6 NAG D . -24.14 35.90 -36.94
C7 NAG D . -25.75 34.54 -30.58
C8 NAG D . -25.00 35.81 -30.37
N2 NAG D . -25.94 34.17 -31.86
O3 NAG D . -27.61 35.90 -33.43
O4 NAG D . -27.02 35.95 -36.25
O5 NAG D . -23.80 35.01 -34.77
O6 NAG D . -23.01 35.20 -37.43
O7 NAG D . -26.19 33.87 -29.65
C24 OLC E . 5.61 -5.18 -7.98
C3 OLC E . -0.71 -6.25 -11.31
C2 OLC E . 0.29 -6.79 -10.30
C21 OLC E . 3.51 -5.11 -9.33
C1 OLC E . 1.56 -5.95 -10.33
C22 OLC E . 4.13 -4.77 -7.98
O19 OLC E . 1.95 -5.50 -11.36
O25 OLC E . 6.15 -4.95 -6.71
O23 OLC E . 4.03 -3.40 -7.74
O20 OLC E . 2.25 -5.69 -9.14
C9 OLC F . -14.47 13.98 -0.47
C8 OLC F . -13.26 13.77 0.44
C24 OLC F . -11.04 8.06 11.19
C7 OLC F . -13.26 12.33 0.96
C6 OLC F . -12.24 12.20 2.10
C5 OLC F . -12.55 10.95 2.92
C4 OLC F . -11.56 10.83 4.06
C3 OLC F . -11.93 9.62 4.92
C2 OLC F . -11.09 9.60 6.20
C21 OLC F . -11.35 7.03 8.93
C1 OLC F . -11.46 8.37 7.02
C22 OLC F . -10.66 6.88 10.29
O19 OLC F . -12.28 7.62 6.61
O25 OLC F . -10.87 7.69 12.53
O23 OLC F . -11.05 5.69 10.89
O20 OLC F . -10.84 8.14 8.26
C24 OLC G . 1.30 8.89 12.23
C3 OLC G . -1.72 11.55 6.24
C2 OLC G . -2.02 10.89 7.58
C21 OLC G . -0.09 9.48 10.23
C1 OLC G . -0.72 10.75 8.37
C22 OLC G . 1.10 9.90 11.09
O19 OLC G . 0.33 10.74 7.80
O25 OLC G . 2.63 8.96 12.68
O23 OLC G . 2.25 9.94 10.29
O20 OLC G . -0.74 10.63 9.76
C24 OLC H . -11.57 -8.58 9.36
C21 OLC H . -11.86 -6.40 8.19
C1 OLC H . -12.08 -4.39 7.00
C22 OLC H . -11.72 -7.90 8.00
O19 OLC H . -11.48 -3.78 6.17
O25 OLC H . -11.55 -9.97 9.19
O23 OLC H . -12.86 -8.40 7.35
O20 OLC H . -12.10 -5.79 6.95
C24 OLC I . -14.38 11.21 11.02
C6 OLC I . -15.36 16.94 4.68
C5 OLC I . -16.30 16.81 5.87
C4 OLC I . -16.11 15.44 6.53
C3 OLC I . -14.86 15.44 7.39
C2 OLC I . -13.87 14.43 6.84
C21 OLC I . -13.40 13.39 10.30
C1 OLC I . -13.13 13.75 8.00
C22 OLC I . -13.13 12.08 11.05
O19 OLC I . -11.94 13.79 8.05
O25 OLC I . -14.00 9.86 11.16
O23 OLC I . -12.07 11.42 10.44
O20 OLC I . -13.84 13.09 9.00
C10 OLC J . -4.34 -1.77 -12.55
C9 OLC J . -3.24 -1.60 -11.86
C11 OLC J . -5.66 -2.08 -11.83
C8 OLC J . -1.93 -1.29 -12.57
C12 OLC J . -6.76 -2.31 -12.86
C7 OLC J . -1.69 -2.33 -13.66
C6 OLC J . -0.42 -1.98 -14.42
C5 OLC J . 0.76 -2.76 -13.83
C4 OLC J . 2.05 -2.26 -14.46
C3 OLC J . 3.10 -3.39 -14.43
C1 CLR K . 12.45 26.40 -0.42
C2 CLR K . 13.08 26.17 0.95
C3 CLR K . 12.07 26.45 2.05
C4 CLR K . 10.87 25.53 1.89
C5 CLR K . 10.27 25.61 0.50
C6 CLR K . 8.97 25.75 0.34
C7 CLR K . 8.25 25.84 -0.98
C8 CLR K . 9.12 25.37 -2.14
C9 CLR K . 10.55 25.93 -1.98
C10 CLR K . 11.24 25.48 -0.67
C11 CLR K . 11.40 25.68 -3.23
C12 CLR K . 10.72 26.09 -4.54
C13 CLR K . 9.36 25.40 -4.70
C14 CLR K . 8.53 25.81 -3.48
C15 CLR K . 7.10 25.39 -3.84
C16 CLR K . 7.02 25.55 -5.37
C17 CLR K . 8.44 25.92 -5.84
C18 CLR K . 9.54 23.88 -4.79
C19 CLR K . 11.71 24.02 -0.75
C20 CLR K . 8.71 25.48 -7.29
C21 CLR K . 10.04 25.98 -7.85
C22 CLR K . 7.56 25.88 -8.22
C23 CLR K . 7.46 27.36 -8.55
C24 CLR K . 6.89 27.63 -9.94
C25 CLR K . 5.60 26.90 -10.29
C26 CLR K . 4.48 27.87 -10.62
C27 CLR K . 5.81 25.91 -11.43
O1 CLR K . 12.67 26.24 3.33
#